data_6CKY
#
_entry.id   6CKY
#
_cell.length_a   48.531
_cell.length_b   75.945
_cell.length_c   142.912
_cell.angle_alpha   90.00
_cell.angle_beta   90.00
_cell.angle_gamma   90.00
#
_symmetry.space_group_name_H-M   'C 2 2 21'
#
loop_
_entity.id
_entity.type
_entity.pdbx_description
1 polymer Glyoxalase
2 water water
#
_entity_poly.entity_id   1
_entity_poly.type   'polypeptide(L)'
_entity_poly.pdbx_seq_one_letter_code
;MGSSHHHHHHSSGLVPRGSHMRARLSHVTIPVLDQDSAKAFYTEKLGFEVRNDMTIGELRWLTVGPKDEPEVEMVLRKVG
PPEYDEETTAHFRDLIAKGVIGVGVLHVENTRATYERLRQAGVTFVQEPVKRPFGTEAVFRDDSGNWFSLNDSRG
;
_entity_poly.pdbx_strand_id   A,B
#
# COMPACT_ATOMS: atom_id res chain seq x y z
N MET A 21 -4.86 16.72 8.73
CA MET A 21 -5.27 16.77 7.30
C MET A 21 -6.53 15.97 7.11
N ARG A 22 -7.44 16.53 6.31
CA ARG A 22 -8.64 15.82 5.86
C ARG A 22 -8.35 15.18 4.49
N ALA A 23 -8.10 13.89 4.52
CA ALA A 23 -7.81 13.13 3.32
C ALA A 23 -8.44 11.77 3.49
N ARG A 24 -8.68 11.14 2.35
CA ARG A 24 -9.06 9.76 2.26
C ARG A 24 -8.13 9.05 1.30
N LEU A 25 -7.78 7.82 1.58
CA LEU A 25 -6.90 7.09 0.69
C LEU A 25 -7.77 6.53 -0.43
N SER A 26 -7.61 7.02 -1.65
CA SER A 26 -8.48 6.50 -2.72
C SER A 26 -7.89 5.40 -3.53
N HIS A 27 -6.57 5.34 -3.54
CA HIS A 27 -5.88 4.38 -4.32
C HIS A 27 -4.70 3.87 -3.54
N VAL A 28 -4.45 2.58 -3.62
CA VAL A 28 -3.22 1.97 -3.14
C VAL A 28 -2.50 1.31 -4.27
N THR A 29 -1.16 1.50 -4.32
CA THR A 29 -0.36 0.92 -5.35
C THR A 29 0.18 -0.46 -4.95
N ILE A 30 0.09 -1.41 -5.88
CA ILE A 30 0.61 -2.75 -5.72
C ILE A 30 1.59 -2.89 -6.86
N PRO A 31 2.90 -3.01 -6.52
CA PRO A 31 3.84 -3.23 -7.62
C PRO A 31 3.75 -4.65 -8.21
N VAL A 32 3.63 -4.84 -9.53
CA VAL A 32 3.45 -6.20 -10.06
C VAL A 32 4.46 -6.53 -11.17
N LEU A 33 4.71 -7.81 -11.36
CA LEU A 33 5.69 -8.30 -12.33
C LEU A 33 5.06 -8.37 -13.70
N ASP A 34 3.77 -8.65 -13.75
CA ASP A 34 3.13 -8.68 -15.05
C ASP A 34 1.72 -8.29 -14.86
N GLN A 35 1.27 -7.28 -15.60
CA GLN A 35 -0.07 -6.77 -15.39
C GLN A 35 -1.21 -7.70 -15.81
N ASP A 36 -1.05 -8.44 -16.92
CA ASP A 36 -2.09 -9.43 -17.29
C ASP A 36 -2.20 -10.49 -16.24
N SER A 37 -1.07 -10.97 -15.77
CA SER A 37 -1.05 -12.01 -14.74
C SER A 37 -1.77 -11.51 -13.48
N ALA A 38 -1.40 -10.30 -13.06
CA ALA A 38 -1.98 -9.64 -11.85
C ALA A 38 -3.48 -9.45 -12.00
N LYS A 39 -3.88 -8.99 -13.19
CA LYS A 39 -5.32 -8.82 -13.45
C LYS A 39 -6.11 -10.10 -13.25
N ALA A 40 -5.61 -11.18 -13.83
CA ALA A 40 -6.22 -12.54 -13.73
C ALA A 40 -6.25 -12.95 -12.27
N PHE A 41 -5.16 -12.76 -11.57
CA PHE A 41 -5.13 -13.14 -10.13
C PHE A 41 -6.15 -12.42 -9.28
N TYR A 42 -6.15 -11.09 -9.39
CA TYR A 42 -6.96 -10.27 -8.59
C TYR A 42 -8.45 -10.44 -8.93
N THR A 43 -8.77 -10.72 -10.19
CA THR A 43 -10.19 -10.87 -10.61
C THR A 43 -10.64 -12.32 -10.52
N GLU A 44 -9.86 -13.25 -11.07
CA GLU A 44 -10.24 -14.64 -11.12
C GLU A 44 -10.07 -15.39 -9.77
N LYS A 45 -9.03 -15.07 -8.96
CA LYS A 45 -8.79 -15.76 -7.69
C LYS A 45 -9.36 -15.03 -6.46
N LEU A 46 -9.15 -13.71 -6.36
CA LEU A 46 -9.77 -12.94 -5.30
C LEU A 46 -11.15 -12.39 -5.61
N GLY A 47 -11.59 -12.42 -6.86
CA GLY A 47 -12.94 -11.94 -7.20
C GLY A 47 -13.18 -10.45 -7.16
N PHE A 48 -12.11 -9.65 -7.21
CA PHE A 48 -12.23 -8.25 -7.35
C PHE A 48 -12.68 -7.92 -8.73
N GLU A 49 -13.17 -6.73 -8.85
CA GLU A 49 -13.66 -6.24 -10.10
C GLU A 49 -12.64 -5.28 -10.67
N VAL A 50 -12.64 -5.18 -11.99
CA VAL A 50 -11.81 -4.23 -12.67
C VAL A 50 -12.47 -2.91 -12.58
N ARG A 51 -11.71 -1.91 -12.16
CA ARG A 51 -12.18 -0.58 -12.05
C ARG A 51 -11.76 0.31 -13.21
N ASN A 52 -10.52 0.19 -13.64
CA ASN A 52 -10.05 0.90 -14.84
C ASN A 52 -9.03 0.02 -15.55
N ASP A 53 -9.00 0.15 -16.88
CA ASP A 53 -7.95 -0.44 -17.68
C ASP A 53 -7.80 0.40 -18.95
N MET A 54 -6.74 1.17 -18.99
CA MET A 54 -6.52 2.13 -20.05
C MET A 54 -5.07 2.43 -20.02
N THR A 55 -4.64 3.21 -21.00
CA THR A 55 -3.25 3.49 -21.26
C THR A 55 -3.12 5.00 -21.26
N ILE A 56 -2.10 5.44 -20.53
CA ILE A 56 -1.82 6.83 -20.30
C ILE A 56 -0.41 6.95 -20.81
N GLY A 57 -0.29 7.31 -22.10
CA GLY A 57 1.01 7.41 -22.75
C GLY A 57 1.58 6.04 -22.99
N GLU A 58 2.69 5.77 -22.30
CA GLU A 58 3.32 4.46 -22.36
C GLU A 58 2.70 3.51 -21.32
N LEU A 59 2.17 4.05 -20.19
CA LEU A 59 1.76 3.23 -19.02
C LEU A 59 0.35 2.73 -19.07
N ARG A 60 0.15 1.47 -18.67
CA ARG A 60 -1.17 0.93 -18.49
C ARG A 60 -1.57 1.21 -17.03
N TRP A 61 -2.64 1.94 -16.92
CA TRP A 61 -3.24 2.20 -15.65
C TRP A 61 -4.37 1.22 -15.49
N LEU A 62 -4.15 0.27 -14.59
CA LEU A 62 -5.01 -0.86 -14.38
C LEU A 62 -5.33 -0.88 -12.90
N THR A 63 -6.61 -0.86 -12.57
CA THR A 63 -6.99 -0.83 -11.16
C THR A 63 -8.12 -1.81 -10.91
N VAL A 64 -8.12 -2.35 -9.69
CA VAL A 64 -9.05 -3.35 -9.27
C VAL A 64 -9.50 -3.01 -7.87
N GLY A 65 -10.59 -3.63 -7.49
CA GLY A 65 -10.97 -3.47 -6.10
C GLY A 65 -12.12 -4.37 -5.73
N PRO A 66 -12.35 -4.54 -4.40
CA PRO A 66 -13.47 -5.35 -3.91
C PRO A 66 -14.80 -4.78 -4.38
N LYS A 67 -15.68 -5.63 -4.87
CA LYS A 67 -17.01 -5.15 -5.37
C LYS A 67 -17.78 -4.25 -4.39
N ASP A 68 -17.62 -4.51 -3.11
CA ASP A 68 -18.36 -3.75 -2.12
C ASP A 68 -17.66 -2.55 -1.62
N GLU A 69 -16.41 -2.31 -2.03
CA GLU A 69 -15.67 -1.15 -1.56
C GLU A 69 -15.35 -0.27 -2.77
N PRO A 70 -16.37 0.40 -3.33
CA PRO A 70 -16.13 1.09 -4.61
C PRO A 70 -15.22 2.30 -4.50
N GLU A 71 -15.00 2.82 -3.27
CA GLU A 71 -14.23 4.03 -3.10
C GLU A 71 -12.71 3.83 -2.96
N VAL A 72 -12.23 2.60 -3.00
CA VAL A 72 -10.76 2.36 -3.03
C VAL A 72 -10.45 1.48 -4.26
N GLU A 73 -9.33 1.78 -4.87
CA GLU A 73 -8.87 1.10 -6.02
C GLU A 73 -7.42 0.68 -5.70
N MET A 74 -7.07 -0.55 -6.07
CA MET A 74 -5.72 -1.03 -6.02
C MET A 74 -5.09 -0.89 -7.41
N VAL A 75 -4.00 -0.12 -7.50
CA VAL A 75 -3.40 0.19 -8.79
C VAL A 75 -2.31 -0.90 -9.09
N LEU A 76 -2.42 -1.66 -10.18
CA LEU A 76 -1.51 -2.75 -10.45
C LEU A 76 -0.42 -2.14 -11.35
N ARG A 77 0.67 -1.77 -10.74
CA ARG A 77 1.69 -0.97 -11.37
C ARG A 77 2.89 -1.83 -11.85
N LYS A 78 3.14 -1.83 -13.17
CA LYS A 78 4.18 -2.65 -13.77
C LYS A 78 5.48 -2.20 -13.23
N VAL A 79 6.27 -3.14 -12.73
CA VAL A 79 7.66 -2.86 -12.36
C VAL A 79 8.53 -3.17 -13.61
N GLY A 80 8.77 -2.12 -14.37
CA GLY A 80 9.50 -2.24 -15.63
C GLY A 80 9.59 -0.90 -16.34
N PRO A 81 10.33 -0.86 -17.47
CA PRO A 81 10.37 0.36 -18.26
C PRO A 81 8.99 0.74 -18.76
N PRO A 82 8.65 2.04 -18.86
CA PRO A 82 9.59 3.16 -18.70
C PRO A 82 9.59 3.79 -17.34
N GLU A 83 8.61 3.44 -16.50
CA GLU A 83 8.56 4.05 -15.19
C GLU A 83 9.84 3.82 -14.44
N TYR A 84 10.42 2.63 -14.54
CA TYR A 84 11.61 2.27 -13.79
C TYR A 84 12.75 1.93 -14.73
N ASP A 85 13.94 2.43 -14.43
CA ASP A 85 15.11 2.15 -15.27
C ASP A 85 15.56 0.70 -15.06
N GLU A 86 16.55 0.25 -15.81
CA GLU A 86 16.83 -1.18 -15.87
C GLU A 86 17.45 -1.74 -14.59
N GLU A 87 18.35 -1.00 -13.98
CA GLU A 87 18.94 -1.44 -12.72
C GLU A 87 17.87 -1.54 -11.62
N THR A 88 17.04 -0.49 -11.55
CA THR A 88 15.94 -0.40 -10.60
C THR A 88 14.93 -1.52 -10.77
N THR A 89 14.47 -1.70 -12.02
CA THR A 89 13.62 -2.81 -12.47
C THR A 89 14.16 -4.15 -11.97
N ALA A 90 15.43 -4.42 -12.19
CA ALA A 90 16.04 -5.71 -11.82
C ALA A 90 16.07 -5.97 -10.30
N HIS A 91 16.51 -4.97 -9.58
CA HIS A 91 16.61 -5.01 -8.11
C HIS A 91 15.17 -5.15 -7.50
N PHE A 92 14.26 -4.42 -8.12
CA PHE A 92 12.88 -4.36 -7.57
C PHE A 92 12.11 -5.66 -7.84
N ARG A 93 12.12 -6.11 -9.11
CA ARG A 93 11.54 -7.40 -9.45
C ARG A 93 12.06 -8.55 -8.57
N ASP A 94 13.34 -8.54 -8.22
CA ASP A 94 13.95 -9.57 -7.38
C ASP A 94 13.37 -9.55 -6.01
N LEU A 95 13.18 -8.34 -5.45
CA LEU A 95 12.72 -8.22 -4.09
C LEU A 95 11.24 -8.59 -4.03
N ILE A 96 10.50 -8.28 -5.10
CA ILE A 96 9.05 -8.60 -5.14
C ILE A 96 8.87 -10.13 -5.15
N ALA A 97 9.60 -10.81 -6.05
CA ALA A 97 9.61 -12.31 -6.10
C ALA A 97 9.94 -12.96 -4.78
N LYS A 98 10.75 -12.31 -3.96
CA LYS A 98 11.05 -12.75 -2.60
C LYS A 98 10.01 -12.46 -1.54
N GLY A 99 8.92 -11.75 -1.89
CA GLY A 99 7.92 -11.47 -0.88
C GLY A 99 8.22 -10.28 0.00
N VAL A 100 9.03 -9.33 -0.46
CA VAL A 100 9.37 -8.19 0.38
C VAL A 100 8.20 -7.21 0.62
N ILE A 101 7.28 -7.12 -0.33
CA ILE A 101 6.22 -6.16 -0.26
C ILE A 101 5.04 -6.84 0.39
N GLY A 102 4.69 -6.35 1.58
CA GLY A 102 3.43 -6.63 2.22
C GLY A 102 2.50 -5.50 1.87
N VAL A 103 1.39 -5.80 1.18
CA VAL A 103 0.52 -4.77 0.65
C VAL A 103 -0.28 -4.20 1.81
N GLY A 104 -0.92 -5.09 2.56
CA GLY A 104 -1.72 -4.62 3.75
C GLY A 104 -2.58 -5.72 4.27
N VAL A 105 -3.80 -5.36 4.62
CA VAL A 105 -4.68 -6.24 5.30
C VAL A 105 -6.03 -6.13 4.64
N LEU A 106 -6.57 -7.26 4.29
CA LEU A 106 -7.92 -7.38 3.79
C LEU A 106 -8.75 -7.91 4.93
N HIS A 107 -9.80 -7.19 5.31
CA HIS A 107 -10.68 -7.61 6.34
C HIS A 107 -11.90 -8.33 5.75
N VAL A 108 -12.23 -9.49 6.32
CA VAL A 108 -13.39 -10.33 5.83
C VAL A 108 -14.17 -10.72 7.08
N GLU A 109 -15.36 -11.27 6.93
CA GLU A 109 -16.12 -11.69 8.13
C GLU A 109 -15.61 -12.97 8.83
N ASN A 110 -15.04 -13.89 8.08
CA ASN A 110 -14.52 -15.17 8.59
C ASN A 110 -13.33 -15.62 7.74
N THR A 111 -12.17 -15.39 8.28
CA THR A 111 -10.89 -15.77 7.67
C THR A 111 -10.83 -17.26 7.35
N ARG A 112 -11.36 -18.10 8.22
CA ARG A 112 -11.25 -19.53 7.95
C ARG A 112 -12.05 -19.92 6.72
N ALA A 113 -13.27 -19.38 6.57
CA ALA A 113 -14.06 -19.69 5.38
C ALA A 113 -13.44 -19.15 4.10
N THR A 114 -12.98 -17.91 4.19
CA THR A 114 -12.35 -17.28 3.03
C THR A 114 -11.06 -18.02 2.70
N TYR A 115 -10.32 -18.39 3.73
CA TYR A 115 -9.08 -19.23 3.52
C TYR A 115 -9.37 -20.48 2.67
N GLU A 116 -10.43 -21.20 3.05
CA GLU A 116 -10.85 -22.39 2.33
C GLU A 116 -11.22 -22.15 0.89
N ARG A 117 -12.00 -21.11 0.60
CA ARG A 117 -12.37 -20.81 -0.79
C ARG A 117 -11.20 -20.37 -1.67
N LEU A 118 -10.30 -19.60 -1.10
CA LEU A 118 -9.11 -19.11 -1.85
C LEU A 118 -8.13 -20.22 -2.10
N ARG A 119 -7.91 -21.06 -1.10
CA ARG A 119 -7.06 -22.25 -1.26
C ARG A 119 -7.65 -23.12 -2.35
N GLN A 120 -8.97 -23.29 -2.35
CA GLN A 120 -9.57 -24.11 -3.43
C GLN A 120 -9.39 -23.44 -4.83
N ALA A 121 -9.44 -22.09 -4.88
CA ALA A 121 -9.19 -21.34 -6.12
C ALA A 121 -7.74 -21.31 -6.52
N GLY A 122 -6.86 -21.90 -5.74
CA GLY A 122 -5.42 -22.00 -6.10
C GLY A 122 -4.48 -20.95 -5.51
N VAL A 123 -4.95 -20.21 -4.55
CA VAL A 123 -4.14 -19.16 -3.90
C VAL A 123 -3.20 -19.76 -2.87
N THR A 124 -1.92 -19.35 -2.91
CA THR A 124 -0.93 -19.81 -2.00
C THR A 124 -0.98 -19.02 -0.73
N PHE A 125 -1.00 -19.69 0.41
CA PHE A 125 -0.95 -19.06 1.70
C PHE A 125 0.34 -19.47 2.39
N VAL A 126 1.12 -18.48 2.77
CA VAL A 126 2.34 -18.78 3.48
C VAL A 126 2.09 -18.97 4.96
N GLN A 127 0.90 -18.55 5.45
CA GLN A 127 0.45 -18.81 6.79
C GLN A 127 -1.03 -19.21 6.78
N GLU A 128 -1.31 -20.32 7.46
CA GLU A 128 -2.62 -20.85 7.60
C GLU A 128 -3.32 -19.93 8.65
N PRO A 129 -4.63 -20.02 8.80
CA PRO A 129 -5.29 -19.18 9.78
C PRO A 129 -4.94 -19.48 11.27
N VAL A 130 -4.67 -18.41 11.97
CA VAL A 130 -4.16 -18.39 13.31
C VAL A 130 -5.00 -17.38 14.14
N LYS A 131 -5.43 -17.82 15.31
CA LYS A 131 -6.10 -16.92 16.26
C LYS A 131 -5.14 -15.89 16.84
N ARG A 132 -5.58 -14.61 16.87
CA ARG A 132 -4.77 -13.51 17.32
C ARG A 132 -5.65 -12.66 18.25
N PRO A 133 -5.07 -11.71 18.97
CA PRO A 133 -5.89 -10.91 19.90
C PRO A 133 -7.08 -10.24 19.24
N PHE A 134 -6.87 -9.63 18.07
CA PHE A 134 -7.96 -8.99 17.26
C PHE A 134 -8.92 -9.98 16.58
N GLY A 135 -8.47 -11.21 16.35
CA GLY A 135 -9.21 -12.13 15.53
C GLY A 135 -8.28 -13.04 14.74
N THR A 136 -8.81 -13.61 13.69
CA THR A 136 -8.15 -14.71 12.99
C THR A 136 -7.49 -14.17 11.73
N GLU A 137 -6.24 -14.60 11.50
CA GLU A 137 -5.38 -14.04 10.48
C GLU A 137 -4.74 -15.16 9.62
N ALA A 138 -4.66 -14.91 8.33
CA ALA A 138 -3.99 -15.83 7.42
C ALA A 138 -3.16 -14.93 6.52
N VAL A 139 -2.20 -15.50 5.81
CA VAL A 139 -1.37 -14.67 4.95
C VAL A 139 -1.22 -15.34 3.61
N PHE A 140 -1.51 -14.65 2.53
CA PHE A 140 -1.35 -15.21 1.20
C PHE A 140 -0.46 -14.35 0.38
N ARG A 141 -0.10 -14.88 -0.76
CA ARG A 141 0.67 -14.20 -1.73
C ARG A 141 -0.05 -14.10 -3.04
N ASP A 142 0.20 -13.01 -3.72
CA ASP A 142 -0.37 -12.79 -5.05
C ASP A 142 0.50 -13.46 -6.10
N ASP A 143 0.17 -13.25 -7.38
CA ASP A 143 0.88 -13.92 -8.46
C ASP A 143 2.32 -13.37 -8.61
N SER A 144 2.57 -12.15 -8.14
CA SER A 144 3.95 -11.65 -8.15
C SER A 144 4.77 -12.08 -6.99
N GLY A 145 4.18 -12.49 -5.89
CA GLY A 145 4.92 -12.78 -4.65
C GLY A 145 4.67 -11.81 -3.53
N ASN A 146 3.88 -10.77 -3.79
CA ASN A 146 3.49 -9.82 -2.73
C ASN A 146 2.60 -10.51 -1.76
N TRP A 147 2.62 -10.07 -0.52
CA TRP A 147 1.80 -10.73 0.45
C TRP A 147 0.68 -9.84 1.03
N PHE A 148 -0.45 -10.45 1.42
CA PHE A 148 -1.51 -9.75 2.12
C PHE A 148 -1.89 -10.54 3.35
N SER A 149 -2.30 -9.84 4.41
CA SER A 149 -2.91 -10.51 5.53
C SER A 149 -4.40 -10.51 5.27
N LEU A 150 -5.03 -11.62 5.68
CA LEU A 150 -6.43 -11.78 5.66
C LEU A 150 -6.86 -11.83 7.15
N ASN A 151 -7.65 -10.87 7.60
CA ASN A 151 -7.96 -10.67 9.01
C ASN A 151 -9.48 -10.67 9.15
N ASP A 152 -9.94 -11.28 10.23
CA ASP A 152 -11.35 -11.11 10.63
C ASP A 152 -11.44 -10.53 12.08
N SER A 153 -12.65 -10.36 12.60
CA SER A 153 -12.77 -9.87 14.01
C SER A 153 -13.21 -10.91 15.05
N ARG A 154 -12.98 -12.18 14.75
CA ARG A 154 -13.47 -13.30 15.57
C ARG A 154 -12.50 -13.72 16.68
N GLY A 155 -12.89 -13.54 17.95
CA GLY A 155 -12.41 -14.41 19.05
C GLY A 155 -12.98 -15.81 18.87
N MET B 21 -15.65 -13.92 -2.00
CA MET B 21 -14.94 -13.04 -1.02
C MET B 21 -15.57 -11.65 -0.91
N ARG B 22 -15.90 -11.23 0.32
CA ARG B 22 -16.47 -9.92 0.64
C ARG B 22 -15.42 -9.23 1.56
N ALA B 23 -14.50 -8.51 0.95
CA ALA B 23 -13.29 -8.05 1.61
C ALA B 23 -13.30 -6.56 1.61
N ARG B 24 -12.63 -5.94 2.59
CA ARG B 24 -12.25 -4.55 2.47
C ARG B 24 -10.82 -4.35 2.91
N LEU B 25 -10.19 -3.31 2.39
CA LEU B 25 -8.81 -3.04 2.72
C LEU B 25 -8.80 -2.16 4.00
N SER B 26 -8.44 -2.75 5.13
CA SER B 26 -8.45 -2.07 6.41
C SER B 26 -7.15 -1.36 6.69
N HIS B 27 -6.06 -1.86 6.13
CA HIS B 27 -4.66 -1.43 6.41
C HIS B 27 -3.86 -1.42 5.15
N VAL B 28 -2.99 -0.43 5.01
CA VAL B 28 -2.04 -0.37 3.92
C VAL B 28 -0.71 -0.25 4.56
N THR B 29 0.22 -1.04 4.07
CA THR B 29 1.56 -1.07 4.64
C THR B 29 2.42 0.00 3.94
N ILE B 30 3.16 0.77 4.73
CA ILE B 30 4.16 1.67 4.20
C ILE B 30 5.51 1.24 4.76
N PRO B 31 6.44 0.85 3.90
CA PRO B 31 7.73 0.47 4.40
C PRO B 31 8.57 1.71 4.74
N VAL B 32 9.06 1.79 5.99
CA VAL B 32 9.81 2.95 6.44
C VAL B 32 11.27 2.63 6.81
N LEU B 33 12.12 3.61 6.60
CA LEU B 33 13.53 3.53 6.99
C LEU B 33 13.72 3.57 8.53
N ASP B 34 12.88 4.33 9.24
CA ASP B 34 12.99 4.53 10.71
C ASP B 34 11.67 4.90 11.28
N GLN B 35 11.22 4.18 12.28
CA GLN B 35 9.83 4.32 12.74
C GLN B 35 9.61 5.63 13.53
N ASP B 36 10.63 6.13 14.24
CA ASP B 36 10.49 7.41 14.95
C ASP B 36 10.44 8.55 13.95
N SER B 37 11.26 8.54 12.91
CA SER B 37 11.22 9.58 11.90
C SER B 37 9.84 9.54 11.19
N ALA B 38 9.41 8.35 10.82
CA ALA B 38 8.09 8.20 10.17
C ALA B 38 6.87 8.57 11.04
N LYS B 39 6.88 8.17 12.30
CA LYS B 39 5.80 8.63 13.19
C LYS B 39 5.74 10.18 13.28
N ALA B 40 6.90 10.79 13.49
CA ALA B 40 6.99 12.26 13.52
C ALA B 40 6.54 12.84 12.13
N PHE B 41 7.04 12.30 11.03
CA PHE B 41 6.56 12.80 9.70
C PHE B 41 5.06 12.75 9.50
N TYR B 42 4.50 11.58 9.67
CA TYR B 42 3.06 11.36 9.49
C TYR B 42 2.14 12.15 10.43
N THR B 43 2.57 12.41 11.67
CA THR B 43 1.72 13.15 12.63
C THR B 43 2.01 14.63 12.56
N GLU B 44 3.26 15.00 12.69
CA GLU B 44 3.61 16.44 12.78
C GLU B 44 3.44 17.16 11.44
N LYS B 45 3.88 16.52 10.35
CA LYS B 45 3.95 17.22 9.08
C LYS B 45 2.75 16.98 8.24
N LEU B 46 2.33 15.73 8.07
CA LEU B 46 1.10 15.46 7.37
C LEU B 46 -0.14 15.73 8.13
N GLY B 47 -0.10 15.58 9.45
CA GLY B 47 -1.29 15.80 10.23
C GLY B 47 -2.21 14.62 10.32
N PHE B 48 -1.66 13.41 10.20
CA PHE B 48 -2.44 12.22 10.56
C PHE B 48 -2.42 12.02 12.06
N GLU B 49 -3.35 11.21 12.51
CA GLU B 49 -3.44 10.85 13.95
C GLU B 49 -2.91 9.44 14.18
N VAL B 50 -2.35 9.23 15.37
CA VAL B 50 -1.77 7.98 15.78
C VAL B 50 -2.97 7.11 16.06
N ARG B 51 -2.94 5.89 15.54
CA ARG B 51 -3.98 4.90 15.80
C ARG B 51 -3.46 3.80 16.72
N ASN B 52 -2.26 3.30 16.48
CA ASN B 52 -1.58 2.38 17.38
C ASN B 52 -0.11 2.69 17.41
N ASP B 53 0.51 2.50 18.58
CA ASP B 53 1.97 2.48 18.73
C ASP B 53 2.25 1.63 19.96
N MET B 54 2.37 0.32 19.76
CA MET B 54 2.70 -0.61 20.82
C MET B 54 3.68 -1.64 20.24
N THR B 55 4.62 -2.07 21.08
CA THR B 55 5.67 -2.99 20.70
C THR B 55 5.30 -4.34 21.29
N ILE B 56 4.95 -5.32 20.44
CA ILE B 56 4.65 -6.68 20.90
C ILE B 56 5.79 -7.58 20.48
N GLY B 57 6.51 -8.15 21.46
CA GLY B 57 7.67 -8.97 21.15
C GLY B 57 8.80 -8.10 20.66
N GLU B 58 9.30 -8.38 19.46
CA GLU B 58 10.41 -7.60 18.90
C GLU B 58 9.96 -6.56 17.86
N LEU B 59 8.68 -6.23 17.84
CA LEU B 59 8.11 -5.53 16.69
C LEU B 59 7.20 -4.38 17.12
N ARG B 60 7.38 -3.21 16.53
CA ARG B 60 6.59 -2.06 16.92
C ARG B 60 5.45 -1.94 15.93
N TRP B 61 4.23 -2.14 16.42
CA TRP B 61 2.97 -1.95 15.69
C TRP B 61 2.56 -0.50 15.72
N LEU B 62 3.00 0.22 14.68
CA LEU B 62 2.79 1.65 14.57
C LEU B 62 1.86 1.99 13.38
N THR B 63 0.67 2.52 13.63
CA THR B 63 -0.32 2.77 12.57
C THR B 63 -0.90 4.16 12.68
N VAL B 64 -1.12 4.80 11.54
CA VAL B 64 -1.69 6.14 11.53
C VAL B 64 -2.83 6.23 10.52
N GLY B 65 -3.61 7.31 10.60
CA GLY B 65 -4.63 7.61 9.62
C GLY B 65 -5.17 9.03 9.63
N PRO B 66 -5.93 9.37 8.60
CA PRO B 66 -6.45 10.73 8.54
C PRO B 66 -7.55 10.95 9.57
N LYS B 67 -7.79 12.22 9.87
CA LYS B 67 -8.77 12.63 10.86
C LYS B 67 -10.14 12.20 10.33
N ASP B 68 -10.93 11.56 11.18
CA ASP B 68 -12.26 11.06 10.85
C ASP B 68 -12.42 10.14 9.60
N GLU B 69 -11.37 9.40 9.23
CA GLU B 69 -11.50 8.33 8.22
C GLU B 69 -10.96 7.09 8.92
N PRO B 70 -11.77 6.51 9.83
CA PRO B 70 -11.28 5.48 10.72
C PRO B 70 -10.96 4.13 10.07
N GLU B 71 -11.53 3.83 8.90
CA GLU B 71 -11.55 2.44 8.45
C GLU B 71 -10.33 2.01 7.60
N VAL B 72 -9.44 2.93 7.23
CA VAL B 72 -8.13 2.54 6.67
C VAL B 72 -7.03 3.06 7.61
N GLU B 73 -6.15 2.17 8.01
CA GLU B 73 -4.95 2.56 8.76
C GLU B 73 -3.76 2.36 7.90
N MET B 74 -2.71 3.19 8.10
CA MET B 74 -1.46 3.05 7.40
C MET B 74 -0.46 2.49 8.36
N VAL B 75 0.10 1.33 8.02
CA VAL B 75 1.02 0.67 8.91
C VAL B 75 2.43 1.13 8.60
N LEU B 76 3.12 1.72 9.58
CA LEU B 76 4.48 2.16 9.35
C LEU B 76 5.46 1.05 9.73
N ARG B 77 5.98 0.36 8.73
CA ARG B 77 6.70 -0.90 8.97
C ARG B 77 8.18 -0.71 8.83
N LYS B 78 8.97 -1.00 9.87
CA LYS B 78 10.45 -0.88 9.73
C LYS B 78 11.11 -1.76 8.68
N VAL B 79 11.91 -1.21 7.78
CA VAL B 79 12.70 -2.01 6.92
C VAL B 79 14.05 -2.29 7.58
N GLY B 80 14.11 -3.41 8.30
CA GLY B 80 15.30 -3.79 9.06
C GLY B 80 14.94 -4.99 9.95
N PRO B 81 15.88 -5.48 10.80
CA PRO B 81 15.62 -6.75 11.45
C PRO B 81 14.59 -6.61 12.54
N PRO B 82 13.90 -7.67 12.93
CA PRO B 82 14.08 -9.02 12.37
C PRO B 82 13.35 -9.31 11.07
N GLU B 83 12.32 -8.52 10.73
CA GLU B 83 11.46 -8.90 9.61
C GLU B 83 12.19 -9.07 8.28
N TYR B 84 13.27 -8.32 8.09
CA TYR B 84 14.02 -8.34 6.83
C TYR B 84 15.47 -8.74 7.04
N ASP B 85 15.98 -9.60 6.17
CA ASP B 85 17.38 -10.03 6.23
C ASP B 85 18.36 -9.02 5.62
N GLU B 86 19.60 -9.09 6.12
CA GLU B 86 20.77 -8.46 5.53
C GLU B 86 20.63 -8.03 4.08
N GLU B 87 20.61 -8.97 3.15
CA GLU B 87 20.70 -8.60 1.74
C GLU B 87 19.42 -7.89 1.26
N THR B 88 18.28 -8.27 1.85
CA THR B 88 17.02 -7.67 1.52
C THR B 88 16.89 -6.24 2.13
N THR B 89 17.17 -6.06 3.41
CA THR B 89 17.12 -4.71 3.98
C THR B 89 17.99 -3.76 3.14
N ALA B 90 19.17 -4.20 2.71
CA ALA B 90 20.06 -3.30 2.01
C ALA B 90 19.45 -2.85 0.70
N HIS B 91 19.10 -3.81 -0.16
CA HIS B 91 18.53 -3.55 -1.44
C HIS B 91 17.18 -2.78 -1.32
N PHE B 92 16.35 -3.18 -0.36
CA PHE B 92 15.00 -2.53 -0.18
C PHE B 92 15.12 -1.07 0.34
N ARG B 93 15.95 -0.86 1.35
CA ARG B 93 16.21 0.56 1.78
C ARG B 93 16.67 1.44 0.66
N ASP B 94 17.66 0.96 -0.09
CA ASP B 94 18.11 1.65 -1.25
C ASP B 94 17.05 2.04 -2.25
N LEU B 95 16.09 1.14 -2.51
CA LEU B 95 15.02 1.46 -3.40
C LEU B 95 14.05 2.43 -2.81
N ILE B 96 13.72 2.27 -1.54
CA ILE B 96 12.84 3.20 -0.81
C ILE B 96 13.42 4.60 -0.91
N ALA B 97 14.75 4.75 -0.70
CA ALA B 97 15.31 6.11 -0.59
C ALA B 97 15.33 6.72 -1.96
N LYS B 98 15.34 5.89 -2.99
CA LYS B 98 15.26 6.35 -4.35
C LYS B 98 13.84 6.77 -4.76
N GLY B 99 12.87 6.47 -3.94
CA GLY B 99 11.48 6.84 -4.28
C GLY B 99 10.78 5.90 -5.21
N VAL B 100 11.13 4.62 -5.12
CA VAL B 100 10.53 3.59 -5.93
C VAL B 100 9.15 3.19 -5.44
N ILE B 101 8.85 3.40 -4.16
CA ILE B 101 7.54 3.05 -3.66
C ILE B 101 6.62 4.25 -3.77
N GLY B 102 5.53 4.11 -4.53
CA GLY B 102 4.48 5.14 -4.58
C GLY B 102 3.40 4.47 -3.82
N VAL B 103 3.07 4.97 -2.62
CA VAL B 103 2.15 4.35 -1.72
C VAL B 103 0.72 4.37 -2.27
N GLY B 104 0.34 5.46 -2.91
CA GLY B 104 -1.03 5.54 -3.48
C GLY B 104 -1.44 7.00 -3.62
N VAL B 105 -2.75 7.22 -3.60
CA VAL B 105 -3.32 8.52 -3.84
C VAL B 105 -4.22 8.86 -2.64
N LEU B 106 -4.01 10.08 -2.12
CA LEU B 106 -4.82 10.72 -1.11
C LEU B 106 -5.77 11.73 -1.77
N HIS B 107 -7.05 11.51 -1.59
CA HIS B 107 -8.02 12.45 -2.13
C HIS B 107 -8.28 13.49 -1.04
N VAL B 108 -8.31 14.75 -1.46
CA VAL B 108 -8.54 15.90 -0.57
C VAL B 108 -9.46 16.84 -1.30
N GLU B 109 -10.16 17.72 -0.59
CA GLU B 109 -11.13 18.61 -1.28
C GLU B 109 -10.38 19.70 -2.10
N ASN B 110 -9.16 20.02 -1.70
CA ASN B 110 -8.43 21.13 -2.29
C ASN B 110 -6.93 20.86 -2.37
N THR B 111 -6.42 20.51 -3.53
CA THR B 111 -4.99 20.15 -3.62
C THR B 111 -4.09 21.34 -3.36
N ARG B 112 -4.44 22.49 -3.93
CA ARG B 112 -3.59 23.70 -3.76
C ARG B 112 -3.49 24.15 -2.35
N ALA B 113 -4.62 24.25 -1.65
CA ALA B 113 -4.59 24.55 -0.17
C ALA B 113 -3.87 23.56 0.70
N THR B 114 -4.06 22.27 0.45
CA THR B 114 -3.35 21.20 1.23
C THR B 114 -1.85 21.32 0.90
N TYR B 115 -1.52 21.52 -0.34
CA TYR B 115 -0.13 21.80 -0.74
C TYR B 115 0.52 22.93 0.05
N GLU B 116 -0.21 24.00 0.28
CA GLU B 116 0.37 25.17 0.95
C GLU B 116 0.68 24.84 2.43
N ARG B 117 -0.21 24.10 3.08
CA ARG B 117 -0.02 23.73 4.47
C ARG B 117 1.13 22.75 4.59
N LEU B 118 1.23 21.80 3.63
CA LEU B 118 2.29 20.77 3.72
C LEU B 118 3.66 21.40 3.51
N ARG B 119 3.71 22.29 2.52
CA ARG B 119 4.93 23.09 2.24
C ARG B 119 5.44 23.82 3.47
N GLN B 120 4.50 24.47 4.14
CA GLN B 120 4.72 25.23 5.38
C GLN B 120 5.32 24.36 6.45
N ALA B 121 4.96 23.08 6.50
CA ALA B 121 5.53 22.15 7.46
C ALA B 121 6.86 21.57 7.01
N GLY B 122 7.31 21.82 5.78
CA GLY B 122 8.62 21.32 5.35
C GLY B 122 8.55 20.01 4.55
N VAL B 123 7.35 19.61 4.19
CA VAL B 123 7.20 18.49 3.24
C VAL B 123 7.77 18.90 1.90
N THR B 124 8.55 18.01 1.28
CA THR B 124 9.02 18.24 -0.02
C THR B 124 8.19 17.56 -1.06
N PHE B 125 8.24 18.12 -2.25
CA PHE B 125 7.38 17.73 -3.32
C PHE B 125 8.14 17.27 -4.54
N VAL B 126 7.66 16.15 -5.09
CA VAL B 126 8.12 15.62 -6.33
C VAL B 126 7.53 16.43 -7.43
N GLN B 127 6.21 16.71 -7.34
CA GLN B 127 5.52 17.51 -8.30
C GLN B 127 4.66 18.56 -7.55
N GLU B 128 4.79 19.82 -7.91
CA GLU B 128 3.93 20.89 -7.36
C GLU B 128 2.53 20.78 -7.92
N PRO B 129 1.54 21.51 -7.38
CA PRO B 129 0.19 21.26 -7.90
C PRO B 129 0.07 21.64 -9.36
N VAL B 130 -0.60 20.80 -10.14
CA VAL B 130 -0.78 20.97 -11.55
C VAL B 130 -2.24 20.63 -11.93
N LYS B 131 -2.87 21.47 -12.77
CA LYS B 131 -4.14 21.15 -13.47
C LYS B 131 -4.06 19.85 -14.26
N ARG B 132 -5.06 19.00 -14.10
CA ARG B 132 -5.19 17.74 -14.85
C ARG B 132 -6.63 17.60 -15.35
N PRO B 133 -6.92 16.57 -16.19
CA PRO B 133 -8.28 16.17 -16.54
C PRO B 133 -9.42 16.63 -15.61
N PHE B 134 -9.58 16.03 -14.44
CA PHE B 134 -10.76 16.32 -13.62
C PHE B 134 -10.41 16.84 -12.23
N GLY B 135 -9.17 17.31 -12.04
CA GLY B 135 -8.79 17.93 -10.76
C GLY B 135 -7.33 18.32 -10.73
N THR B 136 -6.91 18.83 -9.59
CA THR B 136 -5.51 19.31 -9.39
C THR B 136 -4.75 18.16 -8.68
N GLU B 137 -3.48 17.95 -9.07
CA GLU B 137 -2.68 16.83 -8.65
C GLU B 137 -1.33 17.33 -8.14
N ALA B 138 -0.81 16.75 -7.07
CA ALA B 138 0.56 17.02 -6.60
C ALA B 138 1.13 15.72 -6.10
N VAL B 139 2.45 15.67 -5.92
CA VAL B 139 3.10 14.44 -5.48
C VAL B 139 4.09 14.87 -4.44
N PHE B 140 3.92 14.36 -3.21
CA PHE B 140 4.91 14.61 -2.16
C PHE B 140 5.67 13.37 -1.74
N ARG B 141 6.80 13.55 -1.07
CA ARG B 141 7.48 12.41 -0.52
C ARG B 141 7.36 12.43 1.00
N ASP B 142 7.44 11.24 1.59
CA ASP B 142 7.53 11.10 3.03
C ASP B 142 8.98 11.15 3.49
N ASP B 143 9.18 11.02 4.81
CA ASP B 143 10.53 11.07 5.39
C ASP B 143 11.49 9.97 4.83
N SER B 144 10.96 8.88 4.32
CA SER B 144 11.75 7.73 3.93
C SER B 144 12.13 7.86 2.48
N GLY B 145 11.40 8.73 1.75
CA GLY B 145 11.49 8.82 0.27
C GLY B 145 10.32 8.24 -0.47
N ASN B 146 9.37 7.64 0.22
CA ASN B 146 8.16 7.09 -0.50
C ASN B 146 7.31 8.24 -1.05
N TRP B 147 6.58 7.99 -2.14
CA TRP B 147 5.81 9.03 -2.78
C TRP B 147 4.34 8.80 -2.48
N PHE B 148 3.60 9.90 -2.40
CA PHE B 148 2.15 9.88 -2.41
C PHE B 148 1.62 10.88 -3.39
N SER B 149 0.57 10.57 -4.13
CA SER B 149 -0.15 11.57 -4.88
C SER B 149 -1.29 12.23 -4.03
N LEU B 150 -1.58 13.48 -4.37
CA LEU B 150 -2.65 14.26 -3.78
C LEU B 150 -3.54 14.57 -4.95
N ASN B 151 -4.85 14.33 -4.82
CA ASN B 151 -5.72 14.67 -5.95
C ASN B 151 -7.02 15.22 -5.40
N ASP B 152 -7.60 16.19 -6.12
CA ASP B 152 -8.85 16.76 -5.67
C ASP B 152 -10.05 16.70 -6.62
N SER B 153 -10.03 15.89 -7.67
CA SER B 153 -11.23 15.49 -8.46
C SER B 153 -12.33 16.50 -8.66
#